data_4HOE
#
_entry.id   4HOE
#
_cell.length_a   38.003
_cell.length_b   66.538
_cell.length_c   75.795
_cell.angle_alpha   90.00
_cell.angle_beta   93.11
_cell.angle_gamma   90.00
#
_symmetry.space_group_name_H-M   'P 1 21 1'
#
loop_
_entity.id
_entity.type
_entity.pdbx_description
1 polymer 'Dihydrofolate reductase'
2 non-polymer 'NADPH DIHYDRO-NICOTINAMIDE-ADENINE-DINUCLEOTIDE PHOSPHATE'
3 non-polymer 5-[3-(2,5-dimethoxy-4-phenylphenyl)but-1-yn-1-yl]-6-methylpyrimidine-2,4-diamine
4 non-polymer GLYCINE
5 non-polymer GLYCEROL
6 water water
#
_entity_poly.entity_id   1
_entity_poly.type   'polypeptide(L)'
_entity_poly.pdbx_seq_one_letter_code
;MLKPNVAIIVAALKPALGIGYKGKMPWRLRKEIRYFKDVTTRTTKPNTRNAVIMGRKTWESIPQKFRPLPDRLNIILSRS
YENEIIDDNIIHASSIESSLNLVSDVERVFIIGGAEIYNELINNSLVSHLLITEIEHPSPESIEMDTFLKFPLESWTKQP
KSELQKFVGDTVLEDDIKEGDFTYNYTLWTRK
;
_entity_poly.pdbx_strand_id   A,B
#
loop_
_chem_comp.id
_chem_comp.type
_chem_comp.name
_chem_comp.formula
18G non-polymer 5-[3-(2,5-dimethoxy-4-phenylphenyl)but-1-yn-1-yl]-6-methylpyrimidine-2,4-diamine 'C23 H24 N4 O2'
GOL non-polymer GLYCEROL 'C3 H8 O3'
NDP non-polymer 'NADPH DIHYDRO-NICOTINAMIDE-ADENINE-DINUCLEOTIDE PHOSPHATE' 'C21 H30 N7 O17 P3'
#
# COMPACT_ATOMS: atom_id res chain seq x y z
N MET A 1 -5.71 3.80 -15.61
CA MET A 1 -5.30 3.92 -14.19
C MET A 1 -3.85 3.51 -14.03
N LEU A 2 -3.14 4.22 -13.17
CA LEU A 2 -1.77 3.87 -12.83
C LEU A 2 -1.71 3.35 -11.40
N LYS A 3 -1.10 2.17 -11.23
CA LYS A 3 -0.96 1.51 -9.93
C LYS A 3 -2.19 1.59 -9.02
N PRO A 4 -3.35 1.12 -9.52
CA PRO A 4 -4.56 1.17 -8.70
C PRO A 4 -4.43 0.26 -7.49
N ASN A 5 -5.06 0.65 -6.38
CA ASN A 5 -5.22 -0.27 -5.26
C ASN A 5 -6.31 -1.25 -5.64
N VAL A 6 -6.06 -2.52 -5.40
CA VAL A 6 -6.96 -3.58 -5.84
C VAL A 6 -7.42 -4.41 -4.64
N ALA A 7 -8.69 -4.82 -4.66
CA ALA A 7 -9.26 -5.68 -3.63
C ALA A 7 -9.62 -7.05 -4.19
N ILE A 8 -9.25 -8.11 -3.47
CA ILE A 8 -9.76 -9.46 -3.76
C ILE A 8 -11.08 -9.56 -3.00
N ILE A 9 -12.12 -10.01 -3.69
CA ILE A 9 -13.40 -10.34 -3.04
C ILE A 9 -13.73 -11.80 -3.34
N VAL A 10 -14.02 -12.57 -2.29
CA VAL A 10 -14.18 -14.03 -2.38
C VAL A 10 -15.01 -14.55 -1.20
N ALA A 11 -15.71 -15.67 -1.42
CA ALA A 11 -16.38 -16.38 -0.33
C ALA A 11 -15.76 -17.76 -0.21
N ALA A 12 -15.31 -18.11 1.00
CA ALA A 12 -14.58 -19.36 1.21
C ALA A 12 -15.01 -20.10 2.49
N LEU A 13 -14.96 -21.43 2.42
CA LEU A 13 -15.37 -22.28 3.53
C LEU A 13 -14.19 -22.63 4.44
N LYS A 14 -14.27 -22.20 5.69
CA LYS A 14 -13.27 -22.51 6.71
C LYS A 14 -13.30 -24.00 7.09
N PRO A 15 -12.16 -24.55 7.56
CA PRO A 15 -10.83 -23.92 7.72
C PRO A 15 -9.95 -23.97 6.48
N ALA A 16 -10.29 -24.81 5.51
CA ALA A 16 -9.43 -25.07 4.34
C ALA A 16 -9.53 -24.02 3.24
N LEU A 17 -10.50 -23.12 3.36
CA LEU A 17 -10.78 -22.07 2.36
C LEU A 17 -11.08 -22.62 0.97
N GLY A 18 -11.95 -23.63 0.93
CA GLY A 18 -12.47 -24.16 -0.33
C GLY A 18 -13.38 -23.14 -0.97
N ILE A 19 -13.33 -23.05 -2.30
CA ILE A 19 -14.13 -22.05 -3.02
C ILE A 19 -14.86 -22.64 -4.22
N GLY A 20 -14.63 -23.92 -4.53
CA GLY A 20 -15.26 -24.53 -5.69
C GLY A 20 -15.23 -26.05 -5.76
N TYR A 21 -16.14 -26.58 -6.57
CA TYR A 21 -16.14 -28.01 -6.88
C TYR A 21 -16.48 -28.21 -8.35
N LYS A 22 -15.56 -28.85 -9.07
CA LYS A 22 -15.69 -29.09 -10.51
C LYS A 22 -16.27 -27.91 -11.30
N GLY A 23 -15.70 -26.74 -11.09
CA GLY A 23 -16.05 -25.53 -11.84
C GLY A 23 -17.23 -24.74 -11.32
N LYS A 24 -17.89 -25.25 -10.28
CA LYS A 24 -19.09 -24.62 -9.71
C LYS A 24 -18.83 -24.16 -8.28
N MET A 25 -19.71 -23.32 -7.76
CA MET A 25 -19.68 -22.99 -6.34
C MET A 25 -20.45 -24.05 -5.54
N PRO A 26 -19.90 -24.44 -4.37
CA PRO A 26 -20.47 -25.53 -3.59
C PRO A 26 -21.66 -25.11 -2.72
N TRP A 27 -22.17 -23.91 -2.97
CA TRP A 27 -23.30 -23.34 -2.23
C TRP A 27 -23.98 -22.30 -3.05
N ARG A 28 -25.21 -21.98 -2.66
CA ARG A 28 -25.88 -20.80 -3.20
C ARG A 28 -26.39 -20.03 -1.99
N LEU A 29 -25.69 -18.95 -1.66
CA LEU A 29 -25.98 -18.13 -0.50
C LEU A 29 -26.54 -16.80 -0.99
N ARG A 30 -27.85 -16.64 -0.85
CA ARG A 30 -28.53 -15.53 -1.51
C ARG A 30 -28.13 -14.16 -0.99
N LYS A 31 -27.98 -14.02 0.32
CA LYS A 31 -27.58 -12.74 0.87
C LYS A 31 -26.12 -12.43 0.51
N GLU A 32 -25.29 -13.47 0.49
CA GLU A 32 -23.89 -13.31 0.11
C GLU A 32 -23.77 -12.79 -1.33
N ILE A 33 -24.57 -13.35 -2.24
CA ILE A 33 -24.59 -12.92 -3.64
C ILE A 33 -25.00 -11.44 -3.75
N ARG A 34 -25.99 -11.04 -2.95
CA ARG A 34 -26.45 -9.66 -2.95
C ARG A 34 -25.38 -8.72 -2.41
N TYR A 35 -24.66 -9.18 -1.39
CA TYR A 35 -23.51 -8.45 -0.82
C TYR A 35 -22.45 -8.23 -1.89
N PHE A 36 -22.08 -9.30 -2.58
CA PHE A 36 -21.13 -9.23 -3.69
C PHE A 36 -21.57 -8.17 -4.72
N LYS A 37 -22.84 -8.20 -5.11
CA LYS A 37 -23.39 -7.21 -6.05
C LYS A 37 -23.23 -5.79 -5.51
N ASP A 38 -23.69 -5.57 -4.28
CA ASP A 38 -23.68 -4.24 -3.70
C ASP A 38 -22.29 -3.64 -3.53
N VAL A 39 -21.35 -4.44 -3.01
CA VAL A 39 -19.99 -3.97 -2.77
C VAL A 39 -19.23 -3.73 -4.07
N THR A 40 -19.37 -4.61 -5.05
CA THR A 40 -18.64 -4.39 -6.31
C THR A 40 -19.24 -3.25 -7.14
N THR A 41 -20.52 -2.93 -6.93
CA THR A 41 -21.21 -1.91 -7.73
C THR A 41 -21.06 -0.51 -7.15
N ARG A 42 -21.22 -0.39 -5.83
CA ARG A 42 -21.29 0.91 -5.15
C ARG A 42 -20.03 1.77 -5.34
N THR A 43 -20.25 3.05 -5.62
CA THR A 43 -19.16 4.00 -5.66
C THR A 43 -19.44 5.09 -4.63
N THR A 44 -18.39 5.79 -4.19
CA THR A 44 -18.52 6.77 -3.10
C THR A 44 -18.81 8.18 -3.62
N LYS A 45 -18.55 8.38 -4.92
CA LYS A 45 -18.84 9.64 -5.60
C LYS A 45 -19.62 9.34 -6.89
N PRO A 46 -20.42 10.32 -7.38
CA PRO A 46 -21.18 10.10 -8.60
C PRO A 46 -20.33 10.13 -9.88
N ASN A 47 -20.90 9.63 -10.96
CA ASN A 47 -20.27 9.60 -12.30
C ASN A 47 -18.95 8.84 -12.39
N THR A 48 -18.84 7.77 -11.61
CA THR A 48 -17.77 6.78 -11.73
C THR A 48 -18.37 5.37 -11.63
N ARG A 49 -17.55 4.38 -11.90
CA ARG A 49 -17.93 2.99 -11.71
C ARG A 49 -16.74 2.19 -11.19
N ASN A 50 -16.98 0.96 -10.76
CA ASN A 50 -15.91 0.07 -10.38
C ASN A 50 -15.59 -0.93 -11.49
N ALA A 51 -14.40 -1.51 -11.41
CA ALA A 51 -14.00 -2.58 -12.33
C ALA A 51 -14.02 -3.92 -11.58
N VAL A 52 -14.48 -4.96 -12.29
CA VAL A 52 -14.36 -6.32 -11.81
C VAL A 52 -13.48 -7.08 -12.79
N ILE A 53 -12.50 -7.78 -12.24
CA ILE A 53 -11.51 -8.51 -13.05
C ILE A 53 -11.63 -9.99 -12.73
N MET A 54 -11.67 -10.81 -13.78
CA MET A 54 -11.83 -12.24 -13.60
C MET A 54 -11.05 -13.03 -14.62
N GLY A 55 -10.80 -14.29 -14.30
CA GLY A 55 -10.20 -15.22 -15.26
C GLY A 55 -11.20 -15.65 -16.30
N ARG A 56 -10.68 -16.11 -17.44
CA ARG A 56 -11.51 -16.52 -18.57
C ARG A 56 -12.52 -17.62 -18.19
N LYS A 57 -12.11 -18.58 -17.37
CA LYS A 57 -13.00 -19.67 -16.95
C LYS A 57 -14.18 -19.18 -16.12
N THR A 58 -13.95 -18.23 -15.22
CA THR A 58 -15.05 -17.65 -14.44
C THR A 58 -16.03 -16.89 -15.32
N TRP A 59 -15.51 -16.09 -16.26
CA TRP A 59 -16.36 -15.39 -17.22
C TRP A 59 -17.27 -16.34 -17.96
N GLU A 60 -16.71 -17.43 -18.49
CA GLU A 60 -17.48 -18.39 -19.25
C GLU A 60 -18.51 -19.12 -18.40
N SER A 61 -18.32 -19.14 -17.09
CA SER A 61 -19.22 -19.84 -16.20
C SER A 61 -20.41 -18.98 -15.78
N ILE A 62 -20.34 -17.68 -16.07
CA ILE A 62 -21.51 -16.80 -15.95
C ILE A 62 -22.38 -17.07 -17.19
N PRO A 63 -23.67 -17.42 -16.99
CA PRO A 63 -24.51 -17.67 -18.16
C PRO A 63 -24.52 -16.46 -19.10
N GLN A 64 -24.38 -16.72 -20.41
CA GLN A 64 -24.08 -15.67 -21.38
C GLN A 64 -25.06 -14.48 -21.35
N LYS A 65 -26.30 -14.72 -20.94
CA LYS A 65 -27.31 -13.67 -20.84
C LYS A 65 -27.11 -12.74 -19.63
N PHE A 66 -26.32 -13.18 -18.66
CA PHE A 66 -26.11 -12.42 -17.43
C PHE A 66 -24.71 -11.82 -17.33
N ARG A 67 -23.96 -11.91 -18.42
CA ARG A 67 -22.69 -11.21 -18.52
C ARG A 67 -22.79 -10.22 -19.69
N PRO A 68 -22.10 -9.06 -19.58
CA PRO A 68 -21.26 -8.64 -18.45
C PRO A 68 -22.08 -8.33 -17.21
N LEU A 69 -21.48 -8.47 -16.04
CA LEU A 69 -22.16 -8.09 -14.79
C LEU A 69 -22.50 -6.61 -14.86
N PRO A 70 -23.79 -6.29 -14.67
CA PRO A 70 -24.26 -4.92 -14.93
C PRO A 70 -23.65 -3.86 -14.01
N ASP A 71 -23.50 -2.65 -14.55
CA ASP A 71 -23.10 -1.45 -13.77
C ASP A 71 -21.63 -1.41 -13.38
N ARG A 72 -20.83 -2.36 -13.86
CA ARG A 72 -19.39 -2.41 -13.58
C ARG A 72 -18.63 -2.66 -14.88
N LEU A 73 -17.40 -2.14 -14.95
CA LEU A 73 -16.56 -2.47 -16.08
C LEU A 73 -16.01 -3.88 -15.86
N ASN A 74 -16.28 -4.79 -16.79
CA ASN A 74 -15.83 -6.18 -16.67
C ASN A 74 -14.53 -6.38 -17.44
N ILE A 75 -13.51 -6.91 -16.77
CA ILE A 75 -12.22 -7.19 -17.41
C ILE A 75 -11.98 -8.69 -17.34
N ILE A 76 -11.69 -9.32 -18.48
CA ILE A 76 -11.46 -10.76 -18.54
C ILE A 76 -10.01 -11.04 -18.97
N LEU A 77 -9.32 -11.85 -18.16
CA LEU A 77 -7.92 -12.20 -18.42
C LEU A 77 -7.81 -13.60 -19.01
N SER A 78 -7.08 -13.68 -20.12
CA SER A 78 -6.71 -14.94 -20.75
C SER A 78 -5.29 -14.78 -21.27
N ARG A 79 -4.53 -15.87 -21.25
CA ARG A 79 -3.18 -15.84 -21.81
C ARG A 79 -3.18 -15.72 -23.34
N SER A 80 -4.35 -16.01 -23.92
CA SER A 80 -4.56 -15.89 -25.36
C SER A 80 -5.11 -14.53 -25.80
N TYR A 81 -5.44 -13.66 -24.84
CA TYR A 81 -6.01 -12.36 -25.23
C TYR A 81 -4.94 -11.31 -25.44
N GLU A 82 -4.97 -10.70 -26.62
CA GLU A 82 -4.29 -9.42 -26.80
C GLU A 82 -5.19 -8.37 -26.18
N ASN A 83 -4.66 -7.18 -25.91
CA ASN A 83 -5.49 -6.10 -25.37
C ASN A 83 -6.56 -5.71 -26.38
N GLU A 84 -7.82 -5.71 -25.94
CA GLU A 84 -8.92 -5.31 -26.80
C GLU A 84 -10.03 -4.71 -25.94
N ILE A 85 -10.45 -3.49 -26.29
CA ILE A 85 -11.66 -2.95 -25.69
C ILE A 85 -12.83 -3.48 -26.54
N ILE A 86 -13.62 -4.38 -25.97
CA ILE A 86 -14.72 -5.00 -26.73
C ILE A 86 -15.87 -4.01 -26.86
N ASP A 87 -16.36 -3.51 -25.72
CA ASP A 87 -17.32 -2.42 -25.70
C ASP A 87 -17.09 -1.61 -24.44
N ASP A 88 -18.01 -0.72 -24.09
CA ASP A 88 -17.80 0.15 -22.93
C ASP A 88 -17.78 -0.61 -21.60
N ASN A 89 -18.29 -1.84 -21.62
CA ASN A 89 -18.40 -2.68 -20.43
C ASN A 89 -17.47 -3.88 -20.37
N ILE A 90 -16.74 -4.14 -21.45
CA ILE A 90 -15.92 -5.36 -21.55
C ILE A 90 -14.54 -5.08 -22.12
N ILE A 91 -13.52 -5.46 -21.35
CA ILE A 91 -12.13 -5.41 -21.79
C ILE A 91 -11.49 -6.80 -21.72
N HIS A 92 -10.74 -7.14 -22.77
CA HIS A 92 -9.91 -8.34 -22.81
C HIS A 92 -8.48 -7.94 -22.60
N ALA A 93 -7.75 -8.68 -21.77
CA ALA A 93 -6.31 -8.44 -21.55
C ALA A 93 -5.60 -9.70 -21.05
N SER A 94 -4.28 -9.59 -20.88
CA SER A 94 -3.48 -10.73 -20.40
C SER A 94 -2.76 -10.47 -19.07
N SER A 95 -2.93 -9.27 -18.52
CA SER A 95 -2.46 -8.97 -17.17
C SER A 95 -3.42 -7.99 -16.52
N ILE A 96 -3.60 -8.13 -15.21
CA ILE A 96 -4.46 -7.20 -14.48
C ILE A 96 -3.93 -5.77 -14.64
N GLU A 97 -2.62 -5.62 -14.53
CA GLU A 97 -2.05 -4.28 -14.57
C GLU A 97 -2.13 -3.60 -15.95
N SER A 98 -1.86 -4.35 -17.02
CA SER A 98 -1.97 -3.79 -18.36
C SER A 98 -3.41 -3.48 -18.77
N SER A 99 -4.35 -4.29 -18.27
CA SER A 99 -5.76 -4.07 -18.55
C SER A 99 -6.23 -2.75 -17.93
N LEU A 100 -5.67 -2.41 -16.78
CA LEU A 100 -6.08 -1.21 -16.04
C LEU A 100 -5.39 0.05 -16.55
N ASN A 101 -4.29 -0.13 -17.28
CA ASN A 101 -3.63 0.99 -17.98
C ASN A 101 -4.56 1.55 -19.05
N LEU A 102 -5.50 0.73 -19.50
CA LEU A 102 -6.45 1.10 -20.55
C LEU A 102 -7.67 1.88 -20.05
N VAL A 103 -7.75 2.13 -18.75
CA VAL A 103 -9.01 2.53 -18.09
C VAL A 103 -9.00 3.91 -17.42
N SER A 104 -10.10 4.65 -17.56
CA SER A 104 -10.32 5.88 -16.78
C SER A 104 -11.73 5.91 -16.16
N ASP A 105 -11.96 6.87 -15.26
CA ASP A 105 -13.24 7.03 -14.54
C ASP A 105 -13.70 5.77 -13.80
N VAL A 106 -12.73 5.03 -13.27
CA VAL A 106 -12.99 3.88 -12.41
C VAL A 106 -12.49 4.17 -11.00
N GLU A 107 -13.36 3.91 -10.02
CA GLU A 107 -13.02 4.19 -8.62
C GLU A 107 -12.27 3.02 -8.01
N ARG A 108 -12.99 1.94 -7.72
CA ARG A 108 -12.40 0.73 -7.12
C ARG A 108 -12.22 -0.40 -8.12
N VAL A 109 -11.28 -1.30 -7.84
CA VAL A 109 -10.98 -2.45 -8.69
C VAL A 109 -11.06 -3.71 -7.83
N PHE A 110 -11.93 -4.64 -8.23
CA PHE A 110 -12.11 -5.89 -7.49
C PHE A 110 -11.72 -7.08 -8.34
N ILE A 111 -10.98 -8.01 -7.76
CA ILE A 111 -10.74 -9.32 -8.37
C ILE A 111 -11.82 -10.28 -7.88
N ILE A 112 -12.56 -10.85 -8.82
CA ILE A 112 -13.76 -11.62 -8.48
C ILE A 112 -13.69 -13.11 -8.79
N GLY A 113 -12.52 -13.58 -9.22
CA GLY A 113 -12.28 -15.03 -9.38
C GLY A 113 -11.60 -15.38 -10.68
N GLY A 114 -11.24 -16.64 -10.89
CA GLY A 114 -11.45 -17.73 -9.93
C GLY A 114 -10.19 -18.11 -9.18
N ALA A 115 -10.07 -19.40 -8.87
CA ALA A 115 -9.01 -19.91 -8.01
C ALA A 115 -7.61 -19.59 -8.52
N GLU A 116 -7.36 -19.87 -9.80
CA GLU A 116 -6.03 -19.61 -10.36
C GLU A 116 -5.68 -18.12 -10.27
N ILE A 117 -6.64 -17.28 -10.64
CA ILE A 117 -6.48 -15.83 -10.57
C ILE A 117 -6.21 -15.35 -9.14
N TYR A 118 -7.07 -15.77 -8.20
CA TYR A 118 -6.87 -15.45 -6.78
C TYR A 118 -5.48 -15.86 -6.29
N ASN A 119 -5.08 -17.08 -6.60
CA ASN A 119 -3.85 -17.62 -6.03
C ASN A 119 -2.58 -16.99 -6.60
N GLU A 120 -2.67 -16.38 -7.78
CA GLU A 120 -1.57 -15.60 -8.33
C GLU A 120 -1.55 -14.23 -7.68
N LEU A 121 -2.71 -13.56 -7.73
CA LEU A 121 -2.78 -12.16 -7.40
C LEU A 121 -2.69 -11.85 -5.90
N ILE A 122 -2.91 -12.87 -5.06
CA ILE A 122 -2.65 -12.71 -3.62
C ILE A 122 -1.21 -12.24 -3.35
N ASN A 123 -0.29 -12.61 -4.25
CA ASN A 123 1.11 -12.23 -4.16
C ASN A 123 1.51 -11.11 -5.13
N ASN A 124 0.52 -10.29 -5.50
CA ASN A 124 0.73 -9.08 -6.30
C ASN A 124 0.53 -7.89 -5.39
N SER A 125 1.54 -7.03 -5.29
CA SER A 125 1.49 -5.91 -4.35
C SER A 125 0.45 -4.83 -4.66
N LEU A 126 -0.17 -4.88 -5.85
CA LEU A 126 -1.31 -3.99 -6.15
C LEU A 126 -2.50 -4.34 -5.30
N VAL A 127 -2.60 -5.60 -4.89
CA VAL A 127 -3.68 -6.03 -4.03
C VAL A 127 -3.41 -5.59 -2.59
N SER A 128 -4.28 -4.69 -2.09
CA SER A 128 -4.13 -4.08 -0.78
C SER A 128 -5.19 -4.57 0.21
N HIS A 129 -6.27 -5.16 -0.31
CA HIS A 129 -7.41 -5.54 0.53
C HIS A 129 -7.94 -6.88 0.15
N LEU A 130 -8.34 -7.66 1.15
CA LEU A 130 -9.07 -8.91 0.93
C LEU A 130 -10.43 -8.75 1.58
N LEU A 131 -11.47 -8.91 0.79
CA LEU A 131 -12.83 -8.98 1.31
C LEU A 131 -13.20 -10.44 1.28
N ILE A 132 -13.08 -11.11 2.42
CA ILE A 132 -13.31 -12.56 2.47
C ILE A 132 -14.58 -12.84 3.27
N THR A 133 -15.53 -13.50 2.63
CA THR A 133 -16.70 -13.97 3.36
C THR A 133 -16.31 -15.32 3.92
N GLU A 134 -16.15 -15.37 5.24
CA GLU A 134 -15.75 -16.58 5.95
C GLU A 134 -16.99 -17.41 6.25
N ILE A 135 -17.08 -18.55 5.58
CA ILE A 135 -18.24 -19.44 5.69
C ILE A 135 -17.87 -20.61 6.59
N GLU A 136 -18.79 -20.95 7.50
CA GLU A 136 -18.62 -22.11 8.37
C GLU A 136 -19.75 -23.11 8.19
N HIS A 137 -19.46 -24.38 8.47
CA HIS A 137 -20.38 -25.50 8.34
C HIS A 137 -20.07 -26.47 9.45
N PRO A 138 -21.10 -27.16 10.00
CA PRO A 138 -20.81 -28.14 11.06
C PRO A 138 -19.90 -29.29 10.62
N SER A 139 -20.03 -29.72 9.38
CA SER A 139 -19.23 -30.80 8.83
C SER A 139 -18.62 -30.40 7.48
N PRO A 140 -17.62 -29.48 7.51
CA PRO A 140 -17.11 -28.94 6.24
C PRO A 140 -16.49 -29.99 5.31
N GLU A 141 -15.98 -31.08 5.89
CA GLU A 141 -15.40 -32.18 5.11
C GLU A 141 -16.42 -32.89 4.21
N SER A 142 -17.69 -32.78 4.57
CA SER A 142 -18.78 -33.41 3.80
C SER A 142 -19.14 -32.63 2.54
N ILE A 143 -18.66 -31.39 2.45
CA ILE A 143 -18.92 -30.55 1.28
C ILE A 143 -17.96 -30.96 0.16
N GLU A 144 -18.54 -31.31 -1.00
CA GLU A 144 -17.76 -31.58 -2.21
C GLU A 144 -16.89 -30.38 -2.52
N MET A 145 -15.58 -30.60 -2.58
CA MET A 145 -14.62 -29.51 -2.77
C MET A 145 -13.33 -30.01 -3.40
N ASP A 146 -12.88 -29.32 -4.46
CA ASP A 146 -11.61 -29.67 -5.11
C ASP A 146 -10.77 -28.44 -5.44
N THR A 147 -11.24 -27.26 -5.04
CA THR A 147 -10.60 -26.01 -5.42
C THR A 147 -10.49 -25.10 -4.19
N PHE A 148 -9.27 -24.65 -3.91
CA PHE A 148 -8.96 -24.02 -2.63
C PHE A 148 -8.14 -22.76 -2.80
N LEU A 149 -8.35 -21.80 -1.90
CA LEU A 149 -7.46 -20.65 -1.82
C LEU A 149 -6.14 -21.08 -1.22
N LYS A 150 -5.06 -20.52 -1.75
CA LYS A 150 -3.75 -20.63 -1.16
C LYS A 150 -3.32 -19.22 -0.76
N PHE A 151 -3.83 -18.77 0.38
CA PHE A 151 -3.61 -17.41 0.86
C PHE A 151 -2.72 -17.43 2.08
N PRO A 152 -1.54 -16.78 2.02
CA PRO A 152 -0.64 -16.70 3.16
C PRO A 152 -1.07 -15.59 4.13
N LEU A 153 -2.13 -15.86 4.89
CA LEU A 153 -2.77 -14.84 5.72
C LEU A 153 -1.93 -14.39 6.92
N GLU A 154 -0.80 -15.06 7.17
CA GLU A 154 0.14 -14.66 8.22
C GLU A 154 0.71 -13.26 7.96
N SER A 155 0.72 -12.88 6.68
CA SER A 155 1.22 -11.58 6.23
C SER A 155 0.10 -10.56 6.12
N TRP A 156 -1.09 -10.94 6.57
CA TRP A 156 -2.25 -10.06 6.51
C TRP A 156 -2.84 -9.85 7.87
N THR A 157 -3.56 -8.73 8.03
CA THR A 157 -4.22 -8.42 9.30
C THR A 157 -5.71 -8.27 9.06
N LYS A 158 -6.49 -9.07 9.79
CA LYS A 158 -7.94 -8.95 9.76
C LYS A 158 -8.33 -7.71 10.55
N GLN A 159 -9.00 -6.78 9.87
CA GLN A 159 -9.37 -5.49 10.43
C GLN A 159 -10.64 -5.60 11.29
N PRO A 160 -10.85 -4.66 12.23
CA PRO A 160 -12.12 -4.72 12.96
C PRO A 160 -13.30 -4.38 12.06
N LYS A 161 -14.51 -4.73 12.49
CA LYS A 161 -15.71 -4.48 11.69
C LYS A 161 -15.86 -3.02 11.25
N SER A 162 -15.47 -2.09 12.12
CA SER A 162 -15.54 -0.66 11.81
C SER A 162 -14.80 -0.30 10.51
N GLU A 163 -13.68 -0.98 10.26
CA GLU A 163 -12.93 -0.77 9.02
C GLU A 163 -13.68 -1.32 7.80
N LEU A 164 -14.29 -2.49 7.93
CA LEU A 164 -15.14 -3.03 6.86
C LEU A 164 -16.35 -2.14 6.61
N GLN A 165 -17.01 -1.70 7.69
CA GLN A 165 -18.15 -0.81 7.54
C GLN A 165 -17.78 0.48 6.80
N LYS A 166 -16.64 1.07 7.14
CA LYS A 166 -16.17 2.25 6.46
C LYS A 166 -15.96 1.97 4.97
N PHE A 167 -15.42 0.80 4.66
CA PHE A 167 -15.15 0.42 3.26
C PHE A 167 -16.45 0.30 2.45
N VAL A 168 -17.48 -0.27 3.05
CA VAL A 168 -18.73 -0.55 2.34
C VAL A 168 -19.80 0.55 2.47
N GLY A 169 -19.46 1.62 3.17
CA GLY A 169 -20.39 2.73 3.38
C GLY A 169 -21.63 2.31 4.15
N ASP A 170 -22.80 2.59 3.59
CA ASP A 170 -24.07 2.35 4.27
C ASP A 170 -24.61 0.93 4.11
N THR A 171 -23.84 0.06 3.45
CA THR A 171 -24.21 -1.33 3.27
C THR A 171 -24.39 -2.04 4.60
N VAL A 172 -25.54 -2.68 4.78
CA VAL A 172 -25.88 -3.37 6.02
C VAL A 172 -25.10 -4.67 6.16
N LEU A 173 -24.37 -4.79 7.27
CA LEU A 173 -23.55 -5.95 7.57
C LEU A 173 -24.12 -6.74 8.72
N GLU A 174 -24.86 -7.79 8.39
CA GLU A 174 -25.43 -8.68 9.40
C GLU A 174 -24.37 -9.68 9.83
N ASP A 175 -24.36 -9.98 11.13
CA ASP A 175 -23.41 -10.90 11.72
C ASP A 175 -24.00 -12.30 11.76
N ASP A 176 -23.14 -13.31 11.59
CA ASP A 176 -23.52 -14.72 11.66
C ASP A 176 -24.76 -15.08 10.83
N ILE A 177 -24.71 -14.71 9.56
CA ILE A 177 -25.80 -14.97 8.61
C ILE A 177 -25.89 -16.47 8.33
N LYS A 178 -27.09 -17.03 8.51
CA LYS A 178 -27.33 -18.46 8.34
C LYS A 178 -28.23 -18.73 7.13
N GLU A 179 -27.77 -19.64 6.28
CA GLU A 179 -28.54 -20.13 5.13
C GLU A 179 -28.31 -21.63 5.01
N GLY A 180 -29.37 -22.41 5.19
CA GLY A 180 -29.23 -23.86 5.29
C GLY A 180 -28.30 -24.19 6.44
N ASP A 181 -27.33 -25.04 6.17
CA ASP A 181 -26.34 -25.42 7.18
C ASP A 181 -25.10 -24.53 7.23
N PHE A 182 -25.08 -23.47 6.43
CA PHE A 182 -23.95 -22.53 6.39
C PHE A 182 -24.16 -21.28 7.25
N THR A 183 -23.13 -20.88 7.97
CA THR A 183 -23.11 -19.61 8.71
C THR A 183 -21.93 -18.79 8.21
N TYR A 184 -22.13 -17.49 7.98
CA TYR A 184 -21.06 -16.67 7.41
C TYR A 184 -20.95 -15.23 7.93
N ASN A 185 -19.75 -14.68 7.77
CA ASN A 185 -19.43 -13.33 8.18
C ASN A 185 -18.57 -12.66 7.13
N TYR A 186 -18.78 -11.36 6.95
CA TYR A 186 -17.98 -10.56 6.04
C TYR A 186 -16.76 -10.03 6.76
N THR A 187 -15.59 -10.13 6.12
CA THR A 187 -14.35 -9.67 6.72
C THR A 187 -13.53 -8.83 5.75
N LEU A 188 -12.64 -8.02 6.33
CA LEU A 188 -11.72 -7.18 5.57
C LEU A 188 -10.31 -7.41 6.11
N TRP A 189 -9.36 -7.63 5.20
CA TRP A 189 -7.96 -7.85 5.55
C TRP A 189 -7.09 -6.88 4.82
N THR A 190 -6.03 -6.41 5.46
CA THR A 190 -5.02 -5.56 4.80
C THR A 190 -3.62 -6.13 5.03
N ARG A 191 -2.64 -5.68 4.24
CA ARG A 191 -1.26 -6.16 4.41
C ARG A 191 -0.61 -5.63 5.68
N LYS A 192 0.17 -6.47 6.36
CA LYS A 192 0.98 -6.03 7.49
C LYS A 192 1.99 -4.96 7.07
N MET B 1 7.05 -12.83 -2.53
CA MET B 1 6.67 -11.57 -3.23
C MET B 1 7.79 -10.55 -3.07
N LEU B 2 8.28 -10.00 -4.18
CA LEU B 2 9.37 -9.02 -4.13
C LEU B 2 8.91 -7.74 -3.44
N LYS B 3 9.76 -7.22 -2.57
CA LYS B 3 9.42 -6.04 -1.78
C LYS B 3 10.49 -4.97 -1.94
N PRO B 4 10.10 -3.69 -1.87
CA PRO B 4 11.12 -2.64 -1.83
C PRO B 4 11.89 -2.60 -0.50
N ASN B 5 13.05 -1.95 -0.53
CA ASN B 5 13.83 -1.72 0.68
C ASN B 5 13.65 -0.29 1.12
N VAL B 6 12.92 -0.13 2.23
CA VAL B 6 12.35 1.14 2.65
C VAL B 6 12.87 1.56 4.03
N ALA B 7 13.29 2.82 4.12
CA ALA B 7 13.80 3.40 5.36
C ALA B 7 13.16 4.75 5.60
N ILE B 8 12.87 5.05 6.87
CA ILE B 8 12.50 6.39 7.29
C ILE B 8 13.80 7.14 7.57
N ILE B 9 13.92 8.37 7.06
CA ILE B 9 15.05 9.25 7.40
C ILE B 9 14.51 10.58 7.91
N VAL B 10 15.01 11.01 9.06
CA VAL B 10 14.48 12.16 9.79
C VAL B 10 15.57 12.75 10.71
N ALA B 11 15.47 14.04 10.98
CA ALA B 11 16.31 14.70 11.97
C ALA B 11 15.39 15.25 13.07
N ALA B 12 15.66 14.90 14.32
CA ALA B 12 14.76 15.25 15.42
C ALA B 12 15.49 15.73 16.67
N LEU B 13 14.89 16.68 17.37
CA LEU B 13 15.49 17.24 18.57
C LEU B 13 15.06 16.48 19.81
N LYS B 14 16.04 15.97 20.56
CA LYS B 14 15.77 15.23 21.80
C LYS B 14 15.44 16.23 22.93
N PRO B 15 14.66 15.78 23.95
CA PRO B 15 14.03 14.46 24.07
C PRO B 15 12.63 14.38 23.47
N ALA B 16 12.04 15.53 23.11
CA ALA B 16 10.66 15.59 22.60
C ALA B 16 10.51 15.02 21.19
N LEU B 17 11.63 14.89 20.48
CA LEU B 17 11.65 14.46 19.07
C LEU B 17 10.84 15.40 18.16
N GLY B 18 10.98 16.69 18.42
CA GLY B 18 10.45 17.74 17.56
C GLY B 18 11.12 17.74 16.20
N ILE B 19 10.33 17.98 15.16
CA ILE B 19 10.83 17.91 13.78
C ILE B 19 10.47 19.12 12.91
N GLY B 20 9.56 19.97 13.39
CA GLY B 20 9.11 21.11 12.58
C GLY B 20 8.40 22.23 13.30
N TYR B 21 8.37 23.39 12.64
CA TYR B 21 7.61 24.54 13.10
C TYR B 21 7.11 25.38 11.93
N LYS B 22 5.79 25.56 11.88
CA LYS B 22 5.11 26.32 10.81
C LYS B 22 5.55 25.88 9.42
N GLY B 23 5.55 24.57 9.19
CA GLY B 23 5.86 23.99 7.89
C GLY B 23 7.33 23.94 7.52
N LYS B 24 8.17 24.62 8.30
CA LYS B 24 9.61 24.62 8.06
C LYS B 24 10.38 23.92 9.18
N MET B 25 11.62 23.52 8.88
CA MET B 25 12.49 22.88 9.86
C MET B 25 13.00 23.92 10.87
N PRO B 26 13.13 23.52 12.15
CA PRO B 26 13.49 24.44 13.23
C PRO B 26 14.99 24.76 13.31
N TRP B 27 15.74 24.33 12.30
CA TRP B 27 17.20 24.54 12.23
C TRP B 27 17.66 24.46 10.81
N ARG B 28 18.85 25.00 10.55
CA ARG B 28 19.55 24.75 9.31
C ARG B 28 20.94 24.23 9.69
N LEU B 29 21.16 22.94 9.44
CA LEU B 29 22.41 22.29 9.83
C LEU B 29 23.16 21.81 8.59
N ARG B 30 24.29 22.45 8.30
CA ARG B 30 25.03 22.26 7.05
C ARG B 30 25.44 20.81 6.79
N LYS B 31 26.09 20.18 7.77
CA LYS B 31 26.56 18.81 7.58
C LYS B 31 25.38 17.83 7.50
N GLU B 32 24.37 18.07 8.34
CA GLU B 32 23.16 17.23 8.35
C GLU B 32 22.47 17.23 6.98
N ILE B 33 22.34 18.41 6.38
CA ILE B 33 21.73 18.56 5.05
C ILE B 33 22.53 17.76 4.03
N ARG B 34 23.85 17.84 4.12
CA ARG B 34 24.74 17.08 3.22
C ARG B 34 24.61 15.57 3.45
N TYR B 35 24.50 15.15 4.71
CA TYR B 35 24.28 13.74 5.06
C TYR B 35 22.99 13.25 4.41
N PHE B 36 21.92 14.03 4.57
CA PHE B 36 20.63 13.69 3.97
C PHE B 36 20.75 13.54 2.46
N LYS B 37 21.39 14.51 1.81
CA LYS B 37 21.60 14.46 0.37
C LYS B 37 22.37 13.20 -0.04
N ASP B 38 23.50 12.95 0.62
CA ASP B 38 24.39 11.84 0.25
C ASP B 38 23.75 10.47 0.47
N VAL B 39 23.10 10.28 1.63
CA VAL B 39 22.49 9.00 1.96
C VAL B 39 21.28 8.69 1.07
N THR B 40 20.41 9.69 0.83
CA THR B 40 19.24 9.45 -0.03
C THR B 40 19.59 9.32 -1.52
N THR B 41 20.73 9.89 -1.93
CA THR B 41 21.18 9.85 -3.32
C THR B 41 22.04 8.63 -3.65
N ARG B 42 22.97 8.29 -2.78
CA ARG B 42 23.98 7.27 -3.12
C ARG B 42 23.38 5.89 -3.36
N THR B 43 24.00 5.17 -4.28
CA THR B 43 23.55 3.83 -4.65
C THR B 43 24.78 2.91 -4.67
N THR B 44 24.57 1.60 -4.75
CA THR B 44 25.71 0.68 -4.74
C THR B 44 26.48 0.74 -6.06
N LYS B 45 25.78 1.07 -7.14
CA LYS B 45 26.34 1.05 -8.50
C LYS B 45 25.96 2.31 -9.29
N PRO B 46 26.80 2.74 -10.25
CA PRO B 46 26.48 3.94 -11.03
C PRO B 46 25.26 3.75 -11.94
N ASN B 47 24.64 4.86 -12.33
CA ASN B 47 23.51 4.84 -13.25
C ASN B 47 22.32 4.07 -12.68
N THR B 48 22.15 4.18 -11.37
CA THR B 48 20.95 3.72 -10.67
C THR B 48 20.56 4.84 -9.72
N ARG B 49 19.37 4.74 -9.13
CA ARG B 49 18.90 5.79 -8.22
C ARG B 49 17.94 5.24 -7.17
N ASN B 50 17.73 6.05 -6.14
CA ASN B 50 16.72 5.81 -5.12
C ASN B 50 15.47 6.66 -5.35
N ALA B 51 14.39 6.32 -4.66
CA ALA B 51 13.21 7.15 -4.58
C ALA B 51 13.12 7.81 -3.20
N VAL B 52 12.52 9.00 -3.18
CA VAL B 52 12.11 9.64 -1.94
C VAL B 52 10.60 9.84 -1.99
N ILE B 53 9.93 9.50 -0.89
CA ILE B 53 8.48 9.67 -0.77
C ILE B 53 8.21 10.73 0.29
N MET B 54 7.35 11.69 -0.02
CA MET B 54 7.04 12.76 0.92
C MET B 54 5.59 13.23 0.83
N GLY B 55 5.12 13.91 1.88
CA GLY B 55 3.80 14.52 1.89
C GLY B 55 3.73 15.79 1.05
N ARG B 56 2.54 16.15 0.58
CA ARG B 56 2.37 17.36 -0.23
C ARG B 56 2.88 18.62 0.47
N LYS B 57 2.65 18.73 1.78
CA LYS B 57 3.04 19.95 2.51
C LYS B 57 4.55 20.10 2.55
N THR B 58 5.25 18.98 2.76
CA THR B 58 6.72 18.99 2.75
C THR B 58 7.25 19.35 1.36
N TRP B 59 6.68 18.75 0.31
CA TRP B 59 6.99 19.13 -1.07
C TRP B 59 6.88 20.62 -1.30
N GLU B 60 5.77 21.20 -0.86
CA GLU B 60 5.49 22.61 -1.12
C GLU B 60 6.42 23.52 -0.34
N SER B 61 6.97 23.03 0.76
CA SER B 61 7.91 23.79 1.58
C SER B 61 9.34 23.81 1.02
N ILE B 62 9.64 22.91 0.10
CA ILE B 62 10.92 22.98 -0.63
C ILE B 62 10.75 24.10 -1.66
N PRO B 63 11.63 25.12 -1.63
CA PRO B 63 11.50 26.18 -2.62
C PRO B 63 11.50 25.60 -4.04
N GLN B 64 10.60 26.11 -4.88
CA GLN B 64 10.34 25.51 -6.20
C GLN B 64 11.57 25.33 -7.08
N LYS B 65 12.54 26.23 -6.96
CA LYS B 65 13.79 26.11 -7.72
C LYS B 65 14.69 24.96 -7.24
N PHE B 66 14.40 24.43 -6.05
CA PHE B 66 15.19 23.35 -5.47
C PHE B 66 14.47 22.00 -5.49
N ARG B 67 13.35 21.97 -6.19
CA ARG B 67 12.66 20.70 -6.39
C ARG B 67 12.50 20.44 -7.89
N PRO B 68 12.46 19.15 -8.30
CA PRO B 68 12.58 17.98 -7.44
C PRO B 68 13.98 17.87 -6.83
N LEU B 69 14.10 17.22 -5.68
CA LEU B 69 15.41 16.94 -5.10
C LEU B 69 16.22 16.15 -6.14
N PRO B 70 17.39 16.65 -6.54
CA PRO B 70 18.05 16.06 -7.70
C PRO B 70 18.58 14.65 -7.49
N ASP B 71 18.62 13.88 -8.57
CA ASP B 71 19.27 12.57 -8.62
C ASP B 71 18.46 11.46 -7.94
N ARG B 72 17.26 11.81 -7.50
CA ARG B 72 16.35 10.83 -6.87
C ARG B 72 14.96 10.94 -7.51
N LEU B 73 14.25 9.83 -7.55
CA LEU B 73 12.85 9.85 -7.99
C LEU B 73 12.03 10.44 -6.86
N ASN B 74 11.34 11.55 -7.11
CA ASN B 74 10.52 12.21 -6.09
C ASN B 74 9.06 11.78 -6.23
N ILE B 75 8.50 11.21 -5.16
CA ILE B 75 7.09 10.81 -5.16
C ILE B 75 6.36 11.63 -4.09
N ILE B 76 5.27 12.28 -4.50
CA ILE B 76 4.53 13.18 -3.61
C ILE B 76 3.10 12.70 -3.38
N LEU B 77 2.73 12.64 -2.11
CA LEU B 77 1.42 12.15 -1.67
C LEU B 77 0.42 13.27 -1.43
N SER B 78 -0.76 13.11 -2.02
CA SER B 78 -1.92 13.97 -1.68
C SER B 78 -3.17 13.14 -1.87
N ARG B 79 -4.14 13.32 -0.97
CA ARG B 79 -5.42 12.65 -1.08
C ARG B 79 -6.26 13.21 -2.25
N SER B 80 -5.84 14.35 -2.80
CA SER B 80 -6.48 14.95 -3.97
C SER B 80 -5.76 14.68 -5.29
N TYR B 81 -4.72 13.86 -5.24
CA TYR B 81 -4.01 13.49 -6.46
C TYR B 81 -4.60 12.23 -7.08
N GLU B 82 -4.41 12.08 -8.39
CA GLU B 82 -4.51 10.77 -9.01
C GLU B 82 -3.08 10.29 -9.23
N ASN B 83 -2.87 8.97 -9.24
CA ASN B 83 -1.56 8.42 -9.54
C ASN B 83 -1.13 8.88 -10.94
N GLU B 84 0.02 9.52 -11.01
CA GLU B 84 0.44 10.15 -12.26
C GLU B 84 1.94 10.27 -12.30
N ILE B 85 2.54 9.89 -13.43
CA ILE B 85 3.94 10.17 -13.66
C ILE B 85 4.01 11.54 -14.33
N ILE B 86 4.49 12.53 -13.59
CA ILE B 86 4.59 13.88 -14.14
C ILE B 86 5.78 13.94 -15.10
N ASP B 87 6.96 13.55 -14.63
CA ASP B 87 8.10 13.33 -15.50
C ASP B 87 9.01 12.24 -14.92
N ASP B 88 10.21 12.07 -15.46
CA ASP B 88 11.09 11.01 -14.96
C ASP B 88 11.55 11.19 -13.51
N ASN B 89 11.39 12.42 -12.99
CA ASN B 89 11.81 12.73 -11.63
C ASN B 89 10.69 12.96 -10.64
N ILE B 90 9.47 13.11 -11.14
CA ILE B 90 8.32 13.48 -10.30
C ILE B 90 7.11 12.58 -10.54
N ILE B 91 6.58 12.02 -9.45
CA ILE B 91 5.39 11.18 -9.49
C ILE B 91 4.40 11.67 -8.43
N HIS B 92 3.13 11.70 -8.79
CA HIS B 92 2.04 11.99 -7.84
C HIS B 92 1.43 10.69 -7.41
N ALA B 93 1.20 10.53 -6.10
CA ALA B 93 0.56 9.31 -5.58
C ALA B 93 -0.64 9.68 -4.73
N SER B 94 -1.70 8.87 -4.82
CA SER B 94 -2.97 9.15 -4.13
C SER B 94 -3.13 8.39 -2.82
N SER B 95 -2.19 7.49 -2.53
CA SER B 95 -2.21 6.69 -1.31
C SER B 95 -0.83 6.15 -1.00
N ILE B 96 -0.62 5.82 0.27
CA ILE B 96 0.63 5.21 0.73
C ILE B 96 0.90 3.91 -0.03
N GLU B 97 -0.13 3.07 -0.13
CA GLU B 97 -0.01 1.80 -0.85
C GLU B 97 0.44 2.03 -2.29
N SER B 98 -0.13 3.04 -2.95
CA SER B 98 0.27 3.38 -4.32
C SER B 98 1.72 3.85 -4.41
N SER B 99 2.12 4.72 -3.49
CA SER B 99 3.50 5.26 -3.48
C SER B 99 4.52 4.12 -3.42
N LEU B 100 4.19 3.07 -2.67
CA LEU B 100 5.10 1.94 -2.49
C LEU B 100 5.00 0.95 -3.65
N ASN B 101 4.09 1.23 -4.57
CA ASN B 101 3.99 0.49 -5.83
C ASN B 101 4.51 1.31 -7.02
N LEU B 102 5.09 2.47 -6.72
CA LEU B 102 5.63 3.36 -7.74
C LEU B 102 7.16 3.43 -7.69
N VAL B 103 7.76 2.40 -7.11
CA VAL B 103 9.21 2.34 -6.87
C VAL B 103 9.94 1.17 -7.56
N SER B 104 9.35 0.60 -8.60
CA SER B 104 9.95 -0.56 -9.29
C SER B 104 11.25 -0.28 -10.03
N ASP B 105 11.56 1.00 -10.28
CA ASP B 105 12.77 1.39 -11.02
C ASP B 105 13.92 1.88 -10.14
N VAL B 106 13.77 1.76 -8.83
CA VAL B 106 14.78 2.29 -7.90
C VAL B 106 15.42 1.22 -7.01
N GLU B 107 16.54 1.58 -6.38
CA GLU B 107 17.24 0.69 -5.46
CA GLU B 107 17.23 0.68 -5.47
C GLU B 107 16.62 0.72 -4.07
N ARG B 108 16.75 1.85 -3.39
CA ARG B 108 16.16 2.02 -2.06
C ARG B 108 15.05 3.07 -2.13
N VAL B 109 14.18 3.04 -1.11
CA VAL B 109 13.10 4.01 -0.97
C VAL B 109 13.24 4.66 0.40
N PHE B 110 13.29 5.99 0.41
CA PHE B 110 13.41 6.77 1.64
C PHE B 110 12.15 7.57 1.88
N ILE B 111 11.54 7.39 3.06
CA ILE B 111 10.43 8.22 3.50
C ILE B 111 11.01 9.49 4.15
N ILE B 112 10.79 10.65 3.54
CA ILE B 112 11.52 11.84 3.93
C ILE B 112 10.68 12.90 4.64
N GLY B 113 9.44 12.56 4.99
CA GLY B 113 8.58 13.46 5.79
C GLY B 113 7.30 13.85 5.08
N GLY B 114 6.44 14.65 5.73
CA GLY B 114 6.65 15.16 7.09
C GLY B 114 5.98 14.33 8.16
N ALA B 115 5.46 15.01 9.18
CA ALA B 115 4.95 14.38 10.39
C ALA B 115 3.83 13.36 10.16
N GLU B 116 2.84 13.72 9.35
CA GLU B 116 1.70 12.84 9.10
C GLU B 116 2.20 11.58 8.38
N ILE B 117 3.07 11.81 7.39
CA ILE B 117 3.64 10.71 6.59
C ILE B 117 4.46 9.77 7.49
N TYR B 118 5.31 10.34 8.33
CA TYR B 118 6.09 9.53 9.28
C TYR B 118 5.18 8.70 10.17
N ASN B 119 4.13 9.34 10.71
CA ASN B 119 3.18 8.69 11.60
C ASN B 119 2.44 7.53 10.93
N GLU B 120 2.15 7.69 9.64
CA GLU B 120 1.49 6.64 8.87
C GLU B 120 2.44 5.54 8.42
N LEU B 121 3.72 5.87 8.27
CA LEU B 121 4.69 4.89 7.75
C LEU B 121 5.40 4.05 8.82
N ILE B 122 5.43 4.57 10.06
CA ILE B 122 6.21 3.94 11.13
C ILE B 122 5.80 2.48 11.39
N ASN B 123 4.52 2.17 11.22
CA ASN B 123 4.02 0.83 11.47
C ASN B 123 3.88 -0.04 10.21
N ASN B 124 4.26 0.51 9.05
CA ASN B 124 4.24 -0.24 7.80
C ASN B 124 5.40 -1.24 7.78
N SER B 125 5.08 -2.53 7.63
CA SER B 125 6.11 -3.57 7.71
C SER B 125 7.22 -3.43 6.65
N LEU B 126 6.95 -2.68 5.58
CA LEU B 126 7.98 -2.46 4.56
C LEU B 126 9.11 -1.58 5.06
N VAL B 127 8.80 -0.69 6.00
CA VAL B 127 9.82 0.13 6.65
C VAL B 127 10.64 -0.73 7.62
N SER B 128 11.92 -0.91 7.31
CA SER B 128 12.78 -1.78 8.12
C SER B 128 13.94 -1.04 8.81
N HIS B 129 14.06 0.25 8.52
CA HIS B 129 15.07 1.10 9.16
C HIS B 129 14.50 2.43 9.54
N LEU B 130 14.94 2.95 10.68
CA LEU B 130 14.83 4.37 10.98
C LEU B 130 16.24 4.95 11.00
N LEU B 131 16.48 5.94 10.15
CA LEU B 131 17.74 6.65 10.14
C LEU B 131 17.42 7.96 10.85
N ILE B 132 17.80 8.05 12.12
CA ILE B 132 17.42 9.22 12.93
C ILE B 132 18.66 10.03 13.28
N THR B 133 18.68 11.29 12.87
CA THR B 133 19.72 12.20 13.36
C THR B 133 19.22 12.73 14.69
N GLU B 134 19.90 12.32 15.75
CA GLU B 134 19.51 12.73 17.10
C GLU B 134 20.22 14.03 17.42
N ILE B 135 19.42 15.09 17.58
CA ILE B 135 19.96 16.42 17.81
C ILE B 135 19.76 16.80 19.26
N GLU B 136 20.80 17.41 19.84
CA GLU B 136 20.77 17.88 21.22
C GLU B 136 21.09 19.37 21.31
N HIS B 137 20.61 20.00 22.36
CA HIS B 137 20.68 21.44 22.55
C HIS B 137 20.72 21.70 24.04
N PRO B 138 21.46 22.74 24.50
CA PRO B 138 21.48 23.01 25.95
C PRO B 138 20.11 23.44 26.48
N SER B 139 19.35 24.16 25.67
CA SER B 139 18.01 24.63 26.05
C SER B 139 17.04 24.35 24.92
N PRO B 140 16.56 23.09 24.81
CA PRO B 140 15.71 22.71 23.67
C PRO B 140 14.37 23.44 23.65
N GLU B 141 13.96 23.99 24.79
CA GLU B 141 12.73 24.77 24.90
C GLU B 141 12.79 26.11 24.14
N SER B 142 13.99 26.66 23.98
CA SER B 142 14.18 27.91 23.25
C SER B 142 13.99 27.76 21.74
N ILE B 143 13.72 26.52 21.30
CA ILE B 143 13.43 26.23 19.91
C ILE B 143 11.92 26.04 19.75
N GLU B 144 11.29 26.95 18.99
CA GLU B 144 9.86 26.88 18.76
C GLU B 144 9.48 25.62 17.99
N MET B 145 8.55 24.85 18.55
CA MET B 145 8.20 23.53 18.02
C MET B 145 6.71 23.26 18.06
N ASP B 146 6.15 22.81 16.93
CA ASP B 146 4.73 22.44 16.85
C ASP B 146 4.46 20.97 16.47
N THR B 147 5.38 20.37 15.72
CA THR B 147 5.22 18.97 15.27
C THR B 147 6.31 18.04 15.80
N PHE B 148 5.90 16.88 16.27
CA PHE B 148 6.79 15.91 16.91
C PHE B 148 6.63 14.52 16.28
N LEU B 149 7.65 13.66 16.45
CA LEU B 149 7.55 12.26 16.07
C LEU B 149 6.81 11.44 17.11
N LYS B 150 5.94 10.54 16.65
CA LYS B 150 5.24 9.59 17.51
C LYS B 150 5.70 8.16 17.19
N PHE B 151 6.97 7.88 17.44
CA PHE B 151 7.53 6.56 17.16
C PHE B 151 7.59 5.72 18.44
N PRO B 152 7.12 4.46 18.37
CA PRO B 152 7.23 3.58 19.54
C PRO B 152 8.64 3.01 19.63
N LEU B 153 9.59 3.83 20.08
CA LEU B 153 11.01 3.48 20.03
C LEU B 153 11.40 2.27 20.88
N GLU B 154 10.56 1.89 21.84
CA GLU B 154 10.77 0.65 22.60
C GLU B 154 10.52 -0.61 21.78
N SER B 155 9.94 -0.46 20.59
CA SER B 155 9.77 -1.55 19.63
C SER B 155 10.85 -1.53 18.55
N TRP B 156 11.83 -0.63 18.72
CA TRP B 156 12.96 -0.50 17.80
C TRP B 156 14.27 -0.61 18.56
N THR B 157 15.35 -0.96 17.85
CA THR B 157 16.65 -1.12 18.48
C THR B 157 17.67 -0.24 17.77
N LYS B 158 18.31 0.65 18.53
CA LYS B 158 19.39 1.47 17.99
C LYS B 158 20.63 0.61 17.84
N GLN B 159 21.12 0.51 16.60
CA GLN B 159 22.25 -0.34 16.25
C GLN B 159 23.58 0.37 16.50
N PRO B 160 24.68 -0.40 16.64
CA PRO B 160 26.03 0.19 16.74
C PRO B 160 26.35 1.00 15.50
N LYS B 161 27.24 1.97 15.64
CA LYS B 161 27.68 2.78 14.51
C LYS B 161 28.12 1.94 13.31
N SER B 162 28.74 0.79 13.56
CA SER B 162 29.20 -0.08 12.47
C SER B 162 28.08 -0.50 11.53
N GLU B 163 26.87 -0.68 12.07
CA GLU B 163 25.70 -1.02 11.25
C GLU B 163 25.25 0.15 10.38
N LEU B 164 25.28 1.36 10.94
CA LEU B 164 25.05 2.55 10.13
C LEU B 164 26.11 2.72 9.05
N GLN B 165 27.37 2.50 9.40
CA GLN B 165 28.46 2.63 8.44
C GLN B 165 28.28 1.68 7.25
N LYS B 166 27.83 0.45 7.54
CA LYS B 166 27.50 -0.51 6.49
C LYS B 166 26.40 0.02 5.57
N PHE B 167 25.34 0.57 6.17
CA PHE B 167 24.21 1.08 5.39
C PHE B 167 24.63 2.21 4.46
N VAL B 168 25.45 3.13 4.97
CA VAL B 168 25.79 4.34 4.23
C VAL B 168 27.05 4.22 3.37
N GLY B 169 27.65 3.03 3.35
CA GLY B 169 28.81 2.77 2.49
C GLY B 169 30.01 3.62 2.89
N ASP B 170 30.51 4.43 1.96
CA ASP B 170 31.72 5.24 2.23
C ASP B 170 31.43 6.64 2.80
N THR B 171 30.16 6.90 3.11
CA THR B 171 29.77 8.17 3.72
C THR B 171 30.50 8.37 5.05
N VAL B 172 31.10 9.55 5.21
CA VAL B 172 31.85 9.85 6.42
C VAL B 172 30.89 10.18 7.57
N LEU B 173 31.07 9.47 8.68
CA LEU B 173 30.20 9.64 9.85
C LEU B 173 30.99 10.20 11.02
N GLU B 174 30.89 11.51 11.22
CA GLU B 174 31.55 12.17 12.34
C GLU B 174 30.64 12.16 13.58
N ASP B 175 31.23 11.85 14.73
CA ASP B 175 30.52 11.85 16.01
C ASP B 175 30.31 13.27 16.51
N ASP B 176 29.18 13.49 17.19
CA ASP B 176 28.97 14.70 17.99
C ASP B 176 29.29 15.99 17.22
N ILE B 177 28.63 16.14 16.08
CA ILE B 177 28.83 17.30 15.21
C ILE B 177 28.17 18.52 15.83
N LYS B 178 28.90 19.63 15.88
CA LYS B 178 28.35 20.88 16.44
C LYS B 178 28.09 21.92 15.36
N GLU B 179 26.93 22.56 15.45
CA GLU B 179 26.68 23.80 14.71
C GLU B 179 25.83 24.70 15.58
N GLY B 180 26.34 25.89 15.87
CA GLY B 180 25.73 26.74 16.89
C GLY B 180 25.59 25.99 18.21
N ASP B 181 24.37 26.00 18.74
CA ASP B 181 24.05 25.30 19.99
C ASP B 181 23.60 23.85 19.79
N PHE B 182 23.56 23.38 18.55
CA PHE B 182 23.15 22.00 18.28
C PHE B 182 24.36 21.08 18.25
N THR B 183 24.21 19.90 18.84
CA THR B 183 25.22 18.85 18.75
C THR B 183 24.45 17.60 18.33
N TYR B 184 24.92 16.92 17.28
CA TYR B 184 24.12 15.82 16.75
C TYR B 184 24.89 14.57 16.30
N ASN B 185 24.16 13.46 16.24
CA ASN B 185 24.71 12.19 15.81
C ASN B 185 23.75 11.48 14.87
N TYR B 186 24.32 10.84 13.86
CA TYR B 186 23.55 9.98 12.95
C TYR B 186 23.37 8.58 13.56
N THR B 187 22.14 8.06 13.52
CA THR B 187 21.83 6.76 14.12
C THR B 187 21.01 5.89 13.18
N LEU B 188 21.09 4.58 13.38
CA LEU B 188 20.30 3.61 12.62
C LEU B 188 19.53 2.71 13.59
N TRP B 189 18.24 2.51 13.30
CA TRP B 189 17.38 1.66 14.12
C TRP B 189 16.73 0.57 13.31
N THR B 190 16.61 -0.62 13.89
CA THR B 190 15.87 -1.72 13.25
C THR B 190 14.77 -2.20 14.20
N ARG B 191 13.79 -2.92 13.66
CA ARG B 191 12.65 -3.42 14.42
C ARG B 191 13.02 -4.53 15.39
N LYS B 192 12.52 -4.42 16.62
CA LYS B 192 12.67 -5.49 17.63
C LYS B 192 11.92 -6.73 17.21
PA NDP C . -10.22 -18.82 -13.33
O1A NDP C . -9.19 -18.44 -12.29
O2A NDP C . -11.54 -18.11 -13.37
O5B NDP C . -9.60 -18.74 -14.81
C5B NDP C . -8.32 -19.30 -15.09
C4B NDP C . -7.96 -18.72 -16.44
O4B NDP C . -7.63 -17.33 -16.31
C3B NDP C . -6.72 -19.34 -17.07
O3B NDP C . -6.99 -20.61 -17.68
C2B NDP C . -6.32 -18.25 -18.03
O2B NDP C . -7.15 -18.23 -19.20
C1B NDP C . -6.59 -16.99 -17.22
N9A NDP C . -5.37 -16.58 -16.49
C8A NDP C . -4.92 -17.06 -15.32
N7A NDP C . -3.77 -16.47 -14.94
C5A NDP C . -3.43 -15.58 -15.89
C6A NDP C . -2.33 -14.60 -16.12
N6A NDP C . -1.31 -14.44 -15.25
N1A NDP C . -2.39 -13.87 -17.26
C2A NDP C . -3.40 -14.00 -18.15
N3A NDP C . -4.43 -14.85 -18.00
C4A NDP C . -4.50 -15.65 -16.91
O3 NDP C . -10.51 -20.42 -13.31
PN NDP C . -10.41 -21.50 -12.13
O1N NDP C . -10.94 -22.80 -12.71
O2N NDP C . -9.03 -21.47 -11.52
O5D NDP C . -11.49 -21.01 -11.04
C5D NDP C . -12.85 -21.44 -11.14
C4D NDP C . -13.35 -21.87 -9.78
O4D NDP C . -13.34 -20.74 -8.90
C3D NDP C . -14.79 -22.39 -9.82
O3D NDP C . -14.86 -23.62 -9.10
C2D NDP C . -15.60 -21.35 -9.09
O2D NDP C . -16.66 -21.94 -8.33
C1D NDP C . -14.57 -20.68 -8.18
N1N NDP C . -14.95 -19.32 -7.80
C2N NDP C . -15.28 -19.15 -6.53
C3N NDP C . -15.66 -17.89 -6.05
C7N NDP C . -16.04 -17.75 -4.60
O7N NDP C . -16.11 -16.63 -4.14
N7N NDP C . -16.28 -18.85 -3.88
C4N NDP C . -15.67 -16.80 -6.94
C5N NDP C . -15.31 -17.01 -8.27
C6N NDP C . -14.95 -18.29 -8.68
P2B NDP C . -6.78 -19.02 -20.55
O1X NDP C . -6.93 -20.48 -20.19
O2X NDP C . -7.80 -18.55 -21.54
O3X NDP C . -5.35 -18.58 -20.84
N2 18G D . -17.84 -12.70 -1.92
C14 18G D . -18.00 -13.11 -3.18
N1 18G D . -16.96 -12.98 -4.03
C13 18G D . -17.13 -13.42 -5.30
N 18G D . -16.07 -13.33 -6.11
N3 18G D . -19.20 -13.63 -3.50
C15 18G D . -19.38 -14.06 -4.77
C16 18G D . -20.73 -14.62 -5.10
C12 18G D . -18.36 -13.98 -5.73
C11 18G D . -18.47 -14.40 -7.10
C10 18G D . -18.49 -14.73 -8.24
C8 18G D . -18.54 -15.13 -9.64
C9 18G D . -17.85 -14.07 -10.51
C7 18G D . -19.93 -15.38 -10.16
C1 18G D . -20.20 -16.39 -11.09
O 18G D . -19.13 -17.18 -11.40
C 18G D . -19.27 -18.07 -12.52
C6 18G D . -20.97 -14.54 -9.78
C4 18G D . -22.24 -14.69 -10.30
O1 18G D . -23.30 -13.91 -9.95
C5 18G D . -23.07 -12.89 -8.98
C3 18G D . -22.51 -15.70 -11.24
C2 18G D . -21.46 -16.55 -11.61
C17 18G D . -23.83 -15.84 -11.90
C22 18G D . -24.48 -17.08 -11.96
C21 18G D . -25.73 -17.20 -12.53
C20 18G D . -26.37 -16.09 -13.05
C19 18G D . -25.76 -14.86 -12.99
C18 18G D . -24.50 -14.73 -12.43
N GLY E . -9.92 -0.72 -5.43
CA GLY E . -10.37 -1.52 -4.28
C GLY E . -9.76 -0.98 -3.00
O GLY E . -8.77 -1.51 -2.50
OXT GLY E . -10.25 0.03 -2.46
C1 GOL F . -27.77 -6.48 3.37
O1 GOL F . -26.76 -5.54 3.00
C2 GOL F . -29.13 -6.01 2.87
O2 GOL F . -29.40 -4.71 3.42
C3 GOL F . -29.11 -5.95 1.35
O3 GOL F . -30.26 -5.23 0.87
PA NDP G . 3.34 16.27 5.44
O1A NDP G . 3.36 14.98 6.20
O2A NDP G . 4.56 16.73 4.69
O5B NDP G . 2.15 16.27 4.38
C5B NDP G . 0.83 15.93 4.78
C4B NDP G . 0.01 15.83 3.52
O4B NDP G . 0.36 14.66 2.77
C3B NDP G . -1.47 15.67 3.81
O3B NDP G . -2.11 16.92 4.10
C2B NDP G . -1.96 15.02 2.52
O2B NDP G . -2.07 15.97 1.46
C1B NDP G . -0.80 14.09 2.16
N9A NDP G . -1.07 12.74 2.73
C8A NDP G . -0.87 12.34 4.00
N7A NDP G . -1.24 11.05 4.17
C5A NDP G . -1.69 10.61 2.97
C6A NDP G . -2.24 9.33 2.42
N6A NDP G . -2.39 8.21 3.18
N1A NDP G . -2.57 9.32 1.11
C2A NDP G . -2.43 10.39 0.31
N3A NDP G . -1.94 11.57 0.74
C4A NDP G . -1.57 11.73 2.04
O3 NDP G . 2.85 17.49 6.39
PN NDP G . 2.93 17.65 8.01
O1N NDP G . 2.34 19.01 8.29
O2N NDP G . 2.38 16.44 8.73
O5D NDP G . 4.51 17.74 8.30
C5D NDP G . 5.24 18.87 7.85
C4D NDP G . 6.29 19.23 8.90
O4D NDP G . 7.27 18.20 8.99
C3D NDP G . 7.01 20.50 8.51
O3D NDP G . 7.18 21.32 9.67
C2D NDP G . 8.37 20.02 8.03
O2D NDP G . 9.42 20.98 8.22
C1D NDP G . 8.57 18.79 8.90
N1N NDP G . 9.61 17.91 8.35
C2N NDP G . 10.66 17.66 9.16
C3N NDP G . 11.72 16.84 8.74
C7N NDP G . 12.88 16.56 9.65
O7N NDP G . 13.69 15.69 9.35
N7N NDP G . 13.02 17.28 10.76
C4N NDP G . 11.65 16.29 7.46
C5N NDP G . 10.54 16.57 6.65
C6N NDP G . 9.53 17.40 7.12
P2B NDP G . -3.45 16.68 1.04
O1X NDP G . -3.67 17.66 2.18
O2X NDP G . -3.12 17.37 -0.26
O3X NDP G . -4.44 15.57 0.94
N2 18G H . 17.92 13.47 8.33
C14 18G H . 17.11 14.21 7.58
N1 18G H . 15.94 13.65 7.19
C13 18G H . 15.12 14.39 6.41
N 18G H . 14.00 13.81 6.01
N3 18G H . 17.52 15.46 7.25
C15 18G H . 16.70 16.19 6.47
C16 18G H . 17.22 17.55 6.08
C12 18G H . 15.46 15.72 6.02
C11 18G H . 14.58 16.51 5.23
C10 18G H . 13.80 17.11 4.56
C8 18G H . 12.85 17.84 3.76
C9 18G H . 12.32 16.95 2.61
C7 18G H . 13.43 19.14 3.21
C1 18G H . 12.68 20.31 3.19
O 18G H . 11.44 20.21 3.75
C 18G H . 10.47 21.22 3.42
C6 18G H . 14.73 19.19 2.70
C4 18G H . 15.25 20.37 2.18
O1 18G H . 16.53 20.48 1.72
C5 18G H . 17.25 19.28 1.42
C3 18G H . 14.49 21.53 2.14
C2 18G H . 13.19 21.48 2.67
C17 18G H . 14.98 22.80 1.55
C22 18G H . 14.85 24.01 2.23
C21 18G H . 15.36 25.18 1.70
C20 18G H . 16.01 25.17 0.47
C19 18G H . 16.14 23.99 -0.21
C18 18G H . 15.62 22.82 0.31
C1 GOL I . 8.38 5.58 -13.02
O1 GOL I . 9.19 5.54 -14.21
C2 GOL I . 7.65 4.25 -12.88
O2 GOL I . 8.55 3.24 -12.42
C3 GOL I . 6.52 4.39 -11.87
O3 GOL I . 5.85 3.13 -11.74
#